data_3MCW
#
_entry.id   3MCW
#
_cell.length_a   92.697
_cell.length_b   60.850
_cell.length_c   71.960
_cell.angle_alpha   90.000
_cell.angle_beta   102.970
_cell.angle_gamma   90.000
#
_symmetry.space_group_name_H-M   'C 1 2 1'
#
loop_
_entity.id
_entity.type
_entity.pdbx_description
1 polymer 'Putative hydrolase'
2 non-polymer 'IODIDE ION'
3 non-polymer 1,2-ETHANEDIOL
4 water water
#
_entity_poly.entity_id   1
_entity_poly.type   'polypeptide(L)'
_entity_poly.pdbx_seq_one_letter_code
;G(MSE)PAPLRFSSDKPLLLLID(MSE)QQAVDDPSWGPRNHPQAEQACAGLLQAWRARGLPLIHIRHDSVEPNSTYRPG
QPGHAFKPEVEPRPGETVIAKQTNSAFIGTGLEALLRANGWLELVVAGVSTSNSVEATVR(MSE)AGNLGFAVCLAEDGC
FTFDKTDWHGRRRSADEVHA(MSE)SLANLDGEYCRVCGSADILAALGNIAGAA
;
_entity_poly.pdbx_strand_id   A,B
#
# COMPACT_ATOMS: atom_id res chain seq x y z
N ALA A 4 4.43 -24.54 8.70
CA ALA A 4 3.39 -25.51 8.21
C ALA A 4 3.05 -25.23 6.74
N PRO A 5 2.97 -26.30 5.91
CA PRO A 5 2.72 -26.17 4.47
C PRO A 5 1.34 -25.64 4.15
N LEU A 6 1.22 -24.85 3.08
CA LEU A 6 0.01 -24.09 2.80
C LEU A 6 -1.24 -24.95 2.69
N ARG A 7 -2.25 -24.49 3.39
CA ARG A 7 -3.56 -25.09 3.37
C ARG A 7 -4.61 -23.98 3.27
N PHE A 8 -5.51 -24.07 2.30
CA PHE A 8 -6.61 -23.13 2.20
C PHE A 8 -7.59 -23.38 3.32
N SER A 9 -8.12 -22.30 3.86
CA SER A 9 -9.11 -22.37 4.93
CA SER A 9 -9.11 -22.34 4.93
C SER A 9 -10.51 -22.58 4.37
N SER A 10 -10.71 -22.21 3.09
CA SER A 10 -11.98 -22.37 2.41
C SER A 10 -11.84 -23.33 1.23
N ASP A 11 -12.99 -23.75 0.67
CA ASP A 11 -13.00 -24.63 -0.48
C ASP A 11 -13.17 -23.84 -1.80
N LYS A 12 -13.11 -22.51 -1.73
CA LYS A 12 -13.36 -21.66 -2.90
C LYS A 12 -12.42 -20.47 -2.96
N PRO A 13 -11.08 -20.70 -2.82
CA PRO A 13 -10.16 -19.59 -2.97
C PRO A 13 -10.31 -18.98 -4.35
N LEU A 14 -10.20 -17.66 -4.41
CA LEU A 14 -10.44 -16.89 -5.62
C LEU A 14 -9.11 -16.39 -6.19
N LEU A 15 -8.87 -16.65 -7.47
CA LEU A 15 -7.65 -16.17 -8.18
C LEU A 15 -7.90 -14.80 -8.73
N LEU A 16 -7.07 -13.85 -8.31
CA LEU A 16 -7.16 -12.46 -8.69
C LEU A 16 -5.90 -12.09 -9.46
N LEU A 17 -6.03 -11.95 -10.78
CA LEU A 17 -4.89 -11.66 -11.68
C LEU A 17 -4.89 -10.18 -12.03
N ILE A 18 -3.80 -9.49 -11.69
CA ILE A 18 -3.75 -8.04 -11.75
CA ILE A 18 -3.72 -8.03 -11.73
C ILE A 18 -2.94 -7.51 -12.93
N ASP A 19 -3.64 -6.87 -13.84
CA ASP A 19 -3.07 -5.97 -14.81
C ASP A 19 -2.03 -6.60 -15.76
N GLN A 21 -1.33 -7.08 -18.80
CA GLN A 21 -1.62 -6.46 -20.09
C GLN A 21 -0.31 -6.21 -20.84
N GLN A 22 -0.43 -6.13 -22.15
CA GLN A 22 0.76 -6.04 -23.01
C GLN A 22 1.55 -4.74 -22.77
N ALA A 23 0.91 -3.74 -22.19
CA ALA A 23 1.55 -2.49 -21.80
C ALA A 23 2.85 -2.70 -21.07
N VAL A 24 2.89 -3.69 -20.18
CA VAL A 24 4.04 -3.83 -19.32
C VAL A 24 5.26 -4.37 -20.01
N ASP A 25 5.10 -4.80 -21.27
CA ASP A 25 6.23 -5.19 -22.11
C ASP A 25 6.94 -4.01 -22.70
N ASP A 26 6.38 -2.83 -22.60
CA ASP A 26 7.01 -1.67 -23.22
C ASP A 26 8.37 -1.41 -22.59
N PRO A 27 9.43 -1.22 -23.40
CA PRO A 27 10.75 -1.03 -22.81
C PRO A 27 10.84 0.21 -21.95
N SER A 28 9.92 1.16 -22.10
CA SER A 28 9.83 2.40 -21.30
CA SER A 28 10.02 2.36 -21.29
C SER A 28 9.74 2.13 -19.80
N TRP A 29 9.21 0.97 -19.41
CA TRP A 29 9.10 0.65 -18.00
C TRP A 29 10.46 0.31 -17.35
N GLY A 30 11.45 0.04 -18.17
CA GLY A 30 12.75 -0.38 -17.73
C GLY A 30 12.80 -1.86 -17.48
N PRO A 31 13.96 -2.38 -17.01
CA PRO A 31 14.12 -3.83 -16.89
C PRO A 31 13.24 -4.43 -15.81
N ARG A 32 12.84 -5.68 -16.05
CA ARG A 32 12.00 -6.45 -15.17
C ARG A 32 12.71 -7.66 -14.61
N ASN A 33 12.15 -8.21 -13.55
CA ASN A 33 12.53 -9.50 -13.01
C ASN A 33 11.53 -10.59 -13.45
N HIS A 34 11.74 -11.79 -12.91
CA HIS A 34 10.83 -12.93 -13.04
C HIS A 34 10.32 -13.16 -14.45
N PRO A 35 11.22 -13.53 -15.36
CA PRO A 35 10.82 -13.74 -16.74
C PRO A 35 9.77 -14.81 -16.95
N GLN A 36 9.63 -15.74 -16.02
CA GLN A 36 8.65 -16.82 -16.08
CA GLN A 36 8.59 -16.75 -16.22
C GLN A 36 7.33 -16.48 -15.38
N ALA A 37 7.14 -15.22 -14.95
CA ALA A 37 5.92 -14.88 -14.23
C ALA A 37 4.67 -15.20 -15.03
N GLU A 38 4.70 -14.92 -16.33
CA GLU A 38 3.53 -15.19 -17.19
C GLU A 38 3.16 -16.65 -17.17
N GLN A 39 4.17 -17.51 -17.29
CA GLN A 39 3.95 -18.94 -17.25
C GLN A 39 3.42 -19.41 -15.90
N ALA A 40 3.90 -18.82 -14.80
CA ALA A 40 3.39 -19.17 -13.47
C ALA A 40 1.91 -18.78 -13.38
N CYS A 41 1.59 -17.57 -13.84
CA CYS A 41 0.18 -17.11 -13.88
C CYS A 41 -0.68 -18.00 -14.75
N ALA A 42 -0.17 -18.40 -15.91
CA ALA A 42 -0.94 -19.29 -16.82
C ALA A 42 -1.22 -20.62 -16.14
N GLY A 43 -0.26 -21.14 -15.37
CA GLY A 43 -0.45 -22.39 -14.65
C GLY A 43 -1.53 -22.27 -13.60
N LEU A 44 -1.55 -21.16 -12.87
CA LEU A 44 -2.58 -20.92 -11.88
C LEU A 44 -3.96 -20.79 -12.57
N LEU A 45 -4.02 -20.02 -13.65
CA LEU A 45 -5.28 -19.77 -14.36
C LEU A 45 -5.84 -21.06 -14.91
N GLN A 46 -4.99 -21.90 -15.50
CA GLN A 46 -5.44 -23.18 -16.05
CA GLN A 46 -5.48 -23.16 -16.06
C GLN A 46 -5.99 -24.09 -14.95
N ALA A 47 -5.31 -24.14 -13.80
CA ALA A 47 -5.77 -24.94 -12.70
C ALA A 47 -7.11 -24.45 -12.16
N TRP A 48 -7.27 -23.14 -12.04
CA TRP A 48 -8.53 -22.56 -11.58
C TRP A 48 -9.65 -22.91 -12.53
N ARG A 49 -9.41 -22.75 -13.81
CA ARG A 49 -10.41 -23.08 -14.83
C ARG A 49 -10.76 -24.56 -14.78
N ALA A 50 -9.76 -25.43 -14.73
CA ALA A 50 -9.96 -26.87 -14.74
C ALA A 50 -10.78 -27.31 -13.53
N ARG A 51 -10.59 -26.64 -12.39
CA ARG A 51 -11.25 -26.99 -11.14
C ARG A 51 -12.58 -26.23 -10.97
N GLY A 52 -12.88 -25.29 -11.85
CA GLY A 52 -14.11 -24.53 -11.72
C GLY A 52 -14.15 -23.63 -10.50
N LEU A 53 -13.01 -23.12 -10.10
CA LEU A 53 -12.91 -22.25 -8.93
C LEU A 53 -13.08 -20.77 -9.32
N PRO A 54 -13.40 -19.91 -8.33
CA PRO A 54 -13.69 -18.54 -8.63
C PRO A 54 -12.45 -17.77 -9.13
N LEU A 55 -12.63 -16.88 -10.09
CA LEU A 55 -11.52 -16.12 -10.63
C LEU A 55 -11.98 -14.78 -11.14
N ILE A 56 -11.14 -13.78 -10.96
CA ILE A 56 -11.42 -12.41 -11.45
C ILE A 56 -10.13 -11.88 -12.09
N HIS A 57 -10.25 -11.37 -13.31
CA HIS A 57 -9.19 -10.62 -13.97
C HIS A 57 -9.38 -9.14 -13.67
N ILE A 58 -8.32 -8.48 -13.18
CA ILE A 58 -8.30 -7.04 -13.02
C ILE A 58 -7.56 -6.44 -14.17
N ARG A 59 -8.16 -5.43 -14.79
CA ARG A 59 -7.64 -4.74 -15.94
C ARG A 59 -7.42 -3.27 -15.60
N HIS A 60 -6.32 -2.68 -16.02
CA HIS A 60 -6.07 -1.27 -15.80
C HIS A 60 -6.43 -0.47 -17.04
N ASP A 61 -7.25 0.55 -16.82
CA ASP A 61 -7.68 1.45 -17.86
C ASP A 61 -7.18 2.87 -17.56
N SER A 62 -6.75 3.58 -18.57
CA SER A 62 -6.33 5.00 -18.48
CA SER A 62 -6.37 5.00 -18.45
C SER A 62 -7.05 5.86 -19.49
N VAL A 63 -7.33 7.11 -19.14
CA VAL A 63 -7.79 8.10 -20.09
C VAL A 63 -6.60 9.03 -20.39
N GLU A 64 -5.39 8.72 -19.89
CA GLU A 64 -4.21 9.57 -20.19
C GLU A 64 -3.63 9.24 -21.58
N PRO A 65 -3.52 10.26 -22.47
CA PRO A 65 -3.15 10.08 -23.88
C PRO A 65 -1.81 9.36 -24.10
N ASN A 66 -0.92 9.40 -23.10
CA ASN A 66 0.42 8.83 -23.24
C ASN A 66 0.64 7.44 -22.65
N SER A 67 -0.36 6.91 -21.95
CA SER A 67 -0.20 5.70 -21.20
C SER A 67 -0.17 4.48 -22.09
N THR A 68 0.73 3.56 -21.77
CA THR A 68 0.77 2.24 -22.41
C THR A 68 -0.51 1.43 -22.13
N TYR A 69 -1.29 1.80 -21.10
CA TYR A 69 -2.58 1.17 -20.78
C TYR A 69 -3.77 1.95 -21.32
N ARG A 70 -3.52 2.90 -22.22
CA ARG A 70 -4.61 3.65 -22.81
C ARG A 70 -5.50 2.68 -23.59
N PRO A 71 -6.81 2.68 -23.30
CA PRO A 71 -7.72 1.79 -24.02
C PRO A 71 -7.67 1.99 -25.54
N GLY A 72 -8.11 0.98 -26.27
CA GLY A 72 -8.08 1.01 -27.73
C GLY A 72 -6.72 1.13 -28.42
N GLN A 73 -5.64 0.64 -27.82
CA GLN A 73 -4.36 0.39 -28.56
C GLN A 73 -3.76 -0.88 -27.93
N PRO A 74 -2.77 -1.53 -28.58
CA PRO A 74 -2.36 -2.90 -28.20
C PRO A 74 -1.89 -3.12 -26.75
N GLY A 75 -1.28 -2.11 -26.16
CA GLY A 75 -0.82 -2.25 -24.79
C GLY A 75 -1.95 -2.53 -23.83
N HIS A 76 -3.16 -2.11 -24.17
CA HIS A 76 -4.29 -2.30 -23.27
C HIS A 76 -4.77 -3.75 -23.22
N ALA A 77 -4.52 -4.52 -24.27
CA ALA A 77 -4.98 -5.91 -24.33
C ALA A 77 -4.31 -6.78 -23.30
N PHE A 78 -5.02 -7.78 -22.79
CA PHE A 78 -4.39 -8.78 -21.94
C PHE A 78 -3.28 -9.52 -22.69
N LYS A 79 -2.26 -9.93 -21.95
CA LYS A 79 -1.23 -10.81 -22.46
C LYS A 79 -1.91 -12.14 -22.87
N PRO A 80 -1.47 -12.72 -23.98
CA PRO A 80 -2.14 -13.92 -24.46
C PRO A 80 -2.07 -15.09 -23.47
N GLU A 81 -1.01 -15.14 -22.63
CA GLU A 81 -0.82 -16.21 -21.67
C GLU A 81 -1.96 -16.29 -20.68
N VAL A 82 -2.60 -15.14 -20.43
CA VAL A 82 -3.61 -15.02 -19.39
C VAL A 82 -4.85 -14.28 -19.91
N GLU A 83 -5.14 -14.45 -21.19
CA GLU A 83 -6.29 -13.77 -21.76
CA GLU A 83 -6.30 -13.82 -21.80
C GLU A 83 -7.59 -14.34 -21.17
N PRO A 84 -8.53 -13.46 -20.78
CA PRO A 84 -9.82 -13.97 -20.32
C PRO A 84 -10.56 -14.73 -21.40
N ARG A 85 -11.46 -15.59 -20.96
CA ARG A 85 -12.35 -16.33 -21.83
C ARG A 85 -13.80 -15.98 -21.56
N PRO A 86 -14.69 -16.39 -22.46
CA PRO A 86 -16.07 -15.94 -22.36
C PRO A 86 -16.69 -16.28 -21.03
N GLY A 87 -17.40 -15.32 -20.48
CA GLY A 87 -18.09 -15.52 -19.22
C GLY A 87 -17.26 -15.27 -17.99
N GLU A 88 -15.96 -15.11 -18.13
CA GLU A 88 -15.10 -14.84 -16.95
C GLU A 88 -15.24 -13.39 -16.54
N THR A 89 -15.20 -13.16 -15.23
CA THR A 89 -15.31 -11.83 -14.67
C THR A 89 -14.05 -11.01 -14.90
N VAL A 90 -14.22 -9.85 -15.50
CA VAL A 90 -13.17 -8.86 -15.70
C VAL A 90 -13.65 -7.56 -15.06
N ILE A 91 -12.84 -7.00 -14.16
CA ILE A 91 -13.12 -5.75 -13.49
C ILE A 91 -12.07 -4.75 -13.87
N ALA A 92 -12.48 -3.63 -14.44
CA ALA A 92 -11.61 -2.57 -14.84
C ALA A 92 -11.41 -1.56 -13.70
N LYS A 93 -10.20 -1.07 -13.55
CA LYS A 93 -9.89 -0.05 -12.55
C LYS A 93 -9.12 1.09 -13.20
N GLN A 94 -9.11 2.25 -12.54
CA GLN A 94 -8.39 3.42 -13.04
C GLN A 94 -7.34 3.89 -12.06
N THR A 95 -7.23 3.29 -10.88
CA THR A 95 -6.18 3.63 -9.93
CA THR A 95 -6.16 3.67 -9.96
C THR A 95 -5.40 2.37 -9.61
N ASN A 96 -4.47 2.45 -8.67
CA ASN A 96 -3.62 1.30 -8.41
C ASN A 96 -4.34 0.16 -7.73
N SER A 97 -5.09 0.46 -6.67
CA SER A 97 -5.81 -0.58 -5.95
C SER A 97 -7.03 -1.05 -6.73
N ALA A 98 -7.15 -2.38 -6.84
CA ALA A 98 -8.30 -3.01 -7.52
C ALA A 98 -9.63 -2.80 -6.78
N PHE A 99 -9.58 -2.31 -5.53
CA PHE A 99 -10.80 -2.06 -4.79
C PHE A 99 -11.44 -0.69 -5.06
N ILE A 100 -10.66 0.27 -5.46
CA ILE A 100 -11.10 1.66 -5.45
C ILE A 100 -11.81 1.97 -6.74
N GLY A 101 -13.08 2.35 -6.60
CA GLY A 101 -13.92 2.73 -7.71
C GLY A 101 -14.47 1.54 -8.47
N THR A 102 -14.33 0.37 -7.86
N THR A 102 -14.37 0.29 -7.94
CA THR A 102 -14.91 -0.79 -8.39
CA THR A 102 -14.65 -0.98 -8.72
C THR A 102 -15.81 -1.40 -7.37
C THR A 102 -15.82 -1.93 -8.27
N GLY A 103 -16.54 -2.39 -7.84
N GLY A 103 -16.25 -1.78 -7.02
CA GLY A 103 -17.39 -3.17 -6.96
CA GLY A 103 -17.20 -2.73 -6.42
C GLY A 103 -16.68 -4.37 -6.39
C GLY A 103 -16.66 -4.14 -6.10
N LEU A 104 -15.35 -4.36 -6.27
CA LEU A 104 -14.69 -5.62 -5.94
C LEU A 104 -15.02 -6.12 -4.56
N GLU A 105 -14.87 -5.26 -3.55
CA GLU A 105 -15.10 -5.70 -2.19
C GLU A 105 -16.53 -6.24 -1.99
N ALA A 106 -17.51 -5.49 -2.48
CA ALA A 106 -18.88 -5.93 -2.30
C ALA A 106 -19.16 -7.26 -3.02
N LEU A 107 -18.59 -7.44 -4.20
CA LEU A 107 -18.77 -8.68 -4.94
C LEU A 107 -18.17 -9.85 -4.17
N LEU A 108 -16.95 -9.68 -3.64
CA LEU A 108 -16.32 -10.75 -2.87
C LEU A 108 -17.15 -11.12 -1.65
N ARG A 109 -17.59 -10.11 -0.91
CA ARG A 109 -18.32 -10.38 0.32
C ARG A 109 -19.69 -11.02 0.04
N ALA A 110 -20.36 -10.59 -1.04
CA ALA A 110 -21.69 -11.14 -1.36
C ALA A 110 -21.61 -12.63 -1.66
N ASN A 111 -20.45 -13.10 -2.13
CA ASN A 111 -20.26 -14.50 -2.50
C ASN A 111 -19.41 -15.30 -1.53
N GLY A 112 -19.00 -14.68 -0.42
CA GLY A 112 -18.16 -15.35 0.55
C GLY A 112 -16.76 -15.66 0.08
N TRP A 113 -16.27 -14.89 -0.89
CA TRP A 113 -14.92 -15.12 -1.44
C TRP A 113 -13.91 -14.32 -0.63
N LEU A 114 -13.63 -14.85 0.56
CA LEU A 114 -12.80 -14.15 1.54
C LEU A 114 -11.33 -14.53 1.48
N GLU A 115 -11.02 -15.60 0.77
CA GLU A 115 -9.67 -16.06 0.59
CA GLU A 115 -9.64 -16.10 0.55
C GLU A 115 -9.26 -15.80 -0.87
N LEU A 116 -8.19 -15.04 -1.05
CA LEU A 116 -7.74 -14.58 -2.35
C LEU A 116 -6.32 -15.10 -2.62
N VAL A 117 -6.08 -15.46 -3.89
CA VAL A 117 -4.75 -15.82 -4.38
C VAL A 117 -4.43 -14.80 -5.44
N VAL A 118 -3.38 -14.02 -5.22
CA VAL A 118 -3.09 -12.85 -6.04
C VAL A 118 -1.81 -13.02 -6.82
N ALA A 119 -1.83 -12.59 -8.08
CA ALA A 119 -0.61 -12.52 -8.90
C ALA A 119 -0.80 -11.42 -9.89
N GLY A 120 0.30 -10.92 -10.45
CA GLY A 120 0.24 -9.95 -11.53
C GLY A 120 1.36 -8.94 -11.46
N VAL A 121 1.09 -7.75 -11.99
CA VAL A 121 2.15 -6.79 -12.20
CA VAL A 121 2.14 -6.77 -12.25
C VAL A 121 1.63 -5.38 -11.86
N SER A 122 2.43 -4.50 -11.27
CA SER A 122 3.78 -4.78 -10.74
C SER A 122 3.72 -5.10 -9.26
N THR A 123 4.67 -5.88 -8.81
CA THR A 123 4.70 -6.31 -7.41
C THR A 123 4.55 -5.12 -6.47
N SER A 124 5.29 -4.05 -6.75
CA SER A 124 5.46 -2.93 -5.85
C SER A 124 4.48 -1.78 -6.10
N ASN A 125 3.70 -1.84 -7.18
CA ASN A 125 2.76 -0.78 -7.50
C ASN A 125 1.32 -1.32 -7.35
N SER A 126 0.66 -1.71 -8.42
CA SER A 126 -0.74 -2.12 -8.29
C SER A 126 -0.95 -3.39 -7.49
N VAL A 127 -0.03 -4.36 -7.58
CA VAL A 127 -0.18 -5.57 -6.76
C VAL A 127 -0.09 -5.19 -5.26
N GLU A 128 0.96 -4.47 -4.87
CA GLU A 128 1.11 -4.07 -3.49
C GLU A 128 -0.06 -3.20 -3.03
N ALA A 129 -0.52 -2.27 -3.83
CA ALA A 129 -1.65 -1.41 -3.40
C ALA A 129 -2.87 -2.25 -3.12
N THR A 130 -3.14 -3.22 -4.01
CA THR A 130 -4.29 -4.09 -3.88
C THR A 130 -4.17 -5.01 -2.68
N VAL A 131 -3.00 -5.61 -2.47
CA VAL A 131 -2.80 -6.53 -1.38
C VAL A 131 -2.85 -5.82 -0.03
N ARG A 132 -2.24 -4.65 0.09
CA ARG A 132 -2.29 -3.93 1.37
C ARG A 132 -3.74 -3.66 1.73
N ALA A 134 -6.46 -5.28 0.59
CA ALA A 134 -7.14 -6.55 0.84
C ALA A 134 -6.90 -7.05 2.25
N GLY A 135 -5.65 -7.07 2.67
CA GLY A 135 -5.35 -7.57 4.00
C GLY A 135 -5.99 -6.72 5.09
N ASN A 136 -5.92 -5.39 4.93
CA ASN A 136 -6.51 -4.52 5.94
C ASN A 136 -8.04 -4.57 5.96
N LEU A 137 -8.66 -4.91 4.83
CA LEU A 137 -10.11 -5.11 4.76
C LEU A 137 -10.53 -6.45 5.38
N GLY A 138 -9.60 -7.31 5.71
CA GLY A 138 -9.88 -8.59 6.36
C GLY A 138 -9.92 -9.81 5.46
N PHE A 139 -9.48 -9.68 4.22
CA PHE A 139 -9.35 -10.84 3.33
C PHE A 139 -8.09 -11.60 3.70
N ALA A 140 -8.15 -12.92 3.52
CA ALA A 140 -7.02 -13.84 3.70
C ALA A 140 -6.33 -13.96 2.33
N VAL A 141 -5.15 -13.38 2.23
CA VAL A 141 -4.48 -13.24 0.94
C VAL A 141 -3.23 -14.11 0.88
N CYS A 142 -3.13 -14.89 -0.20
CA CYS A 142 -1.88 -15.59 -0.57
CA CYS A 142 -1.95 -15.62 -0.58
C CYS A 142 -1.36 -14.89 -1.80
N LEU A 143 -0.14 -14.37 -1.71
CA LEU A 143 0.49 -13.67 -2.82
C LEU A 143 1.43 -14.64 -3.51
N ALA A 144 1.14 -15.00 -4.76
CA ALA A 144 1.94 -15.96 -5.54
C ALA A 144 3.08 -15.19 -6.16
N GLU A 145 4.18 -15.09 -5.42
CA GLU A 145 5.21 -14.12 -5.77
C GLU A 145 5.94 -14.43 -7.08
N ASP A 146 6.04 -15.72 -7.41
CA ASP A 146 6.65 -16.14 -8.68
C ASP A 146 5.80 -15.81 -9.89
N GLY A 147 4.51 -15.51 -9.66
CA GLY A 147 3.62 -15.00 -10.67
C GLY A 147 3.54 -13.50 -10.70
N CYS A 148 4.41 -12.81 -9.99
CA CYS A 148 4.46 -11.37 -9.98
C CYS A 148 5.80 -10.90 -10.53
N PHE A 149 5.84 -9.70 -11.06
CA PHE A 149 7.11 -9.09 -11.42
C PHE A 149 7.00 -7.57 -11.26
N THR A 150 8.16 -6.93 -11.23
CA THR A 150 8.27 -5.50 -11.15
C THR A 150 9.50 -5.03 -11.93
N PHE A 151 9.85 -3.77 -11.75
CA PHE A 151 10.83 -3.08 -12.57
C PHE A 151 11.89 -2.46 -11.69
N ASP A 152 13.07 -2.24 -12.28
CA ASP A 152 14.14 -1.48 -11.63
C ASP A 152 13.59 -0.12 -11.19
N LYS A 153 14.12 0.40 -10.10
CA LYS A 153 13.75 1.75 -9.68
CA LYS A 153 13.70 1.71 -9.57
C LYS A 153 14.85 2.33 -8.81
N THR A 154 15.10 3.61 -9.00
CA THR A 154 16.06 4.34 -8.18
C THR A 154 15.36 4.77 -6.88
N ASP A 155 15.99 4.49 -5.74
CA ASP A 155 15.39 4.89 -4.47
C ASP A 155 15.54 6.38 -4.27
N TRP A 156 14.94 6.92 -3.21
CA TRP A 156 14.91 8.36 -3.00
C TRP A 156 16.27 8.95 -2.65
N HIS A 157 17.23 8.09 -2.34
CA HIS A 157 18.59 8.51 -2.02
C HIS A 157 19.56 8.21 -3.16
N GLY A 158 19.03 8.02 -4.38
CA GLY A 158 19.83 7.88 -5.57
C GLY A 158 20.40 6.52 -5.86
N ARG A 159 20.08 5.51 -5.05
CA ARG A 159 20.60 4.19 -5.25
C ARG A 159 19.72 3.42 -6.24
N ARG A 160 20.33 2.95 -7.33
CA ARG A 160 19.65 2.19 -8.36
CA ARG A 160 19.61 2.21 -8.35
C ARG A 160 19.39 0.79 -7.83
N ARG A 161 18.13 0.42 -7.67
CA ARG A 161 17.73 -0.91 -7.22
C ARG A 161 17.25 -1.75 -8.40
N SER A 162 17.69 -2.99 -8.46
CA SER A 162 17.17 -3.87 -9.48
C SER A 162 15.72 -4.21 -9.20
N ALA A 163 15.04 -4.69 -10.23
CA ALA A 163 13.68 -5.22 -10.07
C ALA A 163 13.67 -6.28 -9.00
N ASP A 164 14.67 -7.16 -8.96
CA ASP A 164 14.77 -8.19 -7.92
CA ASP A 164 14.64 -8.18 -7.93
C ASP A 164 14.76 -7.59 -6.51
N GLU A 165 15.55 -6.53 -6.33
CA GLU A 165 15.65 -5.88 -5.04
C GLU A 165 14.34 -5.19 -4.67
N VAL A 166 13.71 -4.53 -5.63
CA VAL A 166 12.43 -3.87 -5.41
C VAL A 166 11.38 -4.90 -4.99
N HIS A 167 11.33 -5.99 -5.73
CA HIS A 167 10.42 -7.10 -5.46
C HIS A 167 10.65 -7.64 -4.04
N ALA A 168 11.91 -7.88 -3.68
CA ALA A 168 12.24 -8.45 -2.38
C ALA A 168 11.82 -7.53 -1.22
N SER A 170 9.32 -5.22 -1.36
CA SER A 170 7.85 -5.25 -1.27
CA SER A 170 7.85 -5.28 -1.35
C SER A 170 7.34 -6.52 -0.65
N LEU A 171 7.89 -7.68 -1.02
CA LEU A 171 7.46 -8.92 -0.39
C LEU A 171 7.68 -8.90 1.12
N ALA A 172 8.81 -8.38 1.56
CA ALA A 172 9.08 -8.32 2.99
C ALA A 172 8.08 -7.42 3.72
N ASN A 173 7.74 -6.30 3.10
CA ASN A 173 6.74 -5.40 3.70
C ASN A 173 5.34 -6.00 3.71
N LEU A 174 5.04 -6.84 2.74
CA LEU A 174 3.73 -7.45 2.61
C LEU A 174 3.52 -8.68 3.49
N ASP A 175 4.54 -9.53 3.59
CA ASP A 175 4.41 -10.81 4.27
C ASP A 175 4.12 -10.60 5.73
N GLY A 176 3.18 -11.40 6.25
CA GLY A 176 2.80 -11.36 7.67
C GLY A 176 1.81 -10.21 7.94
N GLU A 177 2.20 -9.01 7.62
CA GLU A 177 1.41 -7.84 7.93
C GLU A 177 0.14 -7.75 7.09
N TYR A 178 0.23 -8.13 5.82
CA TYR A 178 -0.87 -8.00 4.86
C TYR A 178 -1.31 -9.29 4.17
N CYS A 179 -0.42 -10.27 4.08
CA CYS A 179 -0.68 -11.49 3.30
C CYS A 179 0.32 -12.56 3.67
N ARG A 180 0.11 -13.76 3.14
CA ARG A 180 1.12 -14.80 3.16
C ARG A 180 1.77 -14.86 1.78
N VAL A 181 3.07 -14.62 1.71
CA VAL A 181 3.81 -14.75 0.45
C VAL A 181 4.14 -16.23 0.24
N CYS A 182 3.82 -16.74 -0.95
CA CYS A 182 4.16 -18.11 -1.25
CA CYS A 182 3.83 -18.16 -1.31
C CYS A 182 4.37 -18.30 -2.73
N GLY A 183 4.64 -19.53 -3.14
CA GLY A 183 4.88 -19.83 -4.53
C GLY A 183 3.71 -20.55 -5.17
N SER A 184 3.63 -20.41 -6.48
CA SER A 184 2.57 -21.06 -7.23
C SER A 184 2.57 -22.57 -7.06
N ALA A 185 3.74 -23.22 -6.94
CA ALA A 185 3.77 -24.68 -6.76
C ALA A 185 3.06 -25.04 -5.46
N ASP A 186 3.30 -24.27 -4.39
CA ASP A 186 2.67 -24.43 -3.05
CA ASP A 186 2.67 -24.66 -3.15
C ASP A 186 1.15 -24.40 -3.19
N ILE A 187 0.74 -23.36 -3.91
CA ILE A 187 -0.68 -23.07 -4.11
C ILE A 187 -1.35 -24.25 -4.87
N LEU A 188 -0.72 -24.70 -5.94
CA LEU A 188 -1.28 -25.78 -6.75
C LEU A 188 -1.38 -27.04 -5.95
N ALA A 189 -0.38 -27.32 -5.11
CA ALA A 189 -0.45 -28.49 -4.24
C ALA A 189 -1.59 -28.35 -3.24
N ALA A 190 -1.79 -27.15 -2.70
CA ALA A 190 -2.84 -26.92 -1.71
C ALA A 190 -4.24 -27.11 -2.32
N LEU A 191 -4.41 -26.77 -3.59
CA LEU A 191 -5.70 -27.01 -4.24
C LEU A 191 -6.10 -28.48 -4.21
N GLY A 192 -5.12 -29.36 -4.39
CA GLY A 192 -5.36 -30.78 -4.37
C GLY A 192 -5.76 -31.36 -3.02
N ASN A 193 -5.57 -30.59 -1.95
CA ASN A 193 -5.93 -31.01 -0.59
C ASN A 193 -7.28 -30.51 -0.12
N ILE A 194 -7.95 -29.67 -0.91
CA ILE A 194 -9.23 -29.13 -0.50
C ILE A 194 -10.25 -30.24 -0.32
N ALA A 195 -10.37 -31.12 -1.31
CA ALA A 195 -11.45 -32.10 -1.30
C ALA A 195 -11.44 -32.98 -0.05
N GLY A 196 -10.25 -33.40 0.36
CA GLY A 196 -10.09 -34.29 1.47
C GLY A 196 -10.28 -33.64 2.82
N ALA A 197 -10.34 -32.32 2.84
CA ALA A 197 -10.50 -31.54 4.05
C ALA A 197 -11.97 -31.23 4.34
N ALA A 198 -12.87 -31.70 3.48
CA ALA A 198 -14.28 -31.34 3.55
C ALA A 198 -14.97 -31.94 4.76
N PRO B 3 10.83 23.73 -11.71
CA PRO B 3 9.48 23.66 -11.14
C PRO B 3 9.15 24.89 -10.28
N ALA B 4 7.88 25.28 -10.25
CA ALA B 4 7.40 26.29 -9.33
C ALA B 4 7.54 25.79 -7.87
N PRO B 5 7.72 26.71 -6.92
CA PRO B 5 7.72 26.25 -5.51
C PRO B 5 6.40 25.61 -5.08
N LEU B 6 6.45 24.77 -4.05
CA LEU B 6 5.23 24.12 -3.53
C LEU B 6 4.21 25.16 -3.18
N ARG B 7 2.98 24.93 -3.63
CA ARG B 7 1.82 25.79 -3.31
C ARG B 7 0.61 24.90 -3.03
N PHE B 8 -0.09 25.21 -1.96
CA PHE B 8 -1.35 24.58 -1.64
C PHE B 8 -2.45 25.13 -2.56
N SER B 9 -3.34 24.23 -2.99
CA SER B 9 -4.46 24.62 -3.84
CA SER B 9 -4.46 24.58 -3.84
C SER B 9 -5.62 25.16 -3.02
N SER B 10 -5.68 24.78 -1.74
CA SER B 10 -6.73 25.23 -0.86
C SER B 10 -6.14 26.11 0.22
N ASP B 11 -7.00 26.79 0.94
CA ASP B 11 -6.58 27.55 2.10
C ASP B 11 -6.69 26.76 3.40
N LYS B 12 -7.01 25.47 3.31
CA LYS B 12 -7.25 24.65 4.49
CA LYS B 12 -7.15 24.68 4.55
C LYS B 12 -6.56 23.29 4.41
N PRO B 13 -5.26 23.20 4.07
CA PRO B 13 -4.61 21.88 4.07
C PRO B 13 -4.66 21.30 5.48
N LEU B 14 -4.85 19.99 5.57
CA LEU B 14 -5.06 19.29 6.81
C LEU B 14 -3.82 18.49 7.18
N LEU B 15 -3.33 18.68 8.40
CA LEU B 15 -2.15 17.93 8.90
C LEU B 15 -2.63 16.64 9.54
N LEU B 16 -2.12 15.51 9.03
CA LEU B 16 -2.50 14.18 9.45
C LEU B 16 -1.25 13.50 10.01
N LEU B 17 -1.19 13.39 11.34
CA LEU B 17 -0.04 12.81 12.05
C LEU B 17 -0.35 11.36 12.39
N ILE B 18 0.48 10.42 11.96
CA ILE B 18 0.18 9.02 12.04
C ILE B 18 1.02 8.30 13.08
N ASP B 19 0.34 7.77 14.10
CA ASP B 19 0.82 6.75 14.98
C ASP B 19 2.09 7.13 15.76
N GLN B 21 3.31 7.29 18.67
CA GLN B 21 3.07 6.70 20.00
C GLN B 21 4.35 6.11 20.55
N GLN B 22 4.41 6.02 21.88
CA GLN B 22 5.64 5.67 22.57
C GLN B 22 6.12 4.25 22.27
N ALA B 23 5.20 3.38 21.83
CA ALA B 23 5.54 2.00 21.49
C ALA B 23 6.70 1.93 20.53
N VAL B 24 6.82 2.88 19.61
CA VAL B 24 7.79 2.78 18.53
C VAL B 24 9.21 3.06 19.00
N ASP B 25 9.37 3.51 20.26
CA ASP B 25 10.67 3.77 20.82
C ASP B 25 11.38 2.52 21.37
N ASP B 26 10.74 1.35 21.35
CA ASP B 26 11.37 0.15 21.82
C ASP B 26 12.63 -0.12 20.98
N PRO B 27 13.83 -0.23 21.59
CA PRO B 27 15.05 -0.45 20.77
C PRO B 27 15.03 -1.80 20.07
N SER B 28 14.18 -2.73 20.53
CA SER B 28 14.00 -4.03 19.86
CA SER B 28 14.07 -4.02 19.86
C SER B 28 13.42 -3.92 18.47
N TRP B 29 12.80 -2.80 18.15
CA TRP B 29 12.28 -2.59 16.80
C TRP B 29 13.32 -2.19 15.80
N GLY B 30 14.56 -2.32 16.29
N GLY B 30 14.28 -1.38 16.26
CA GLY B 30 15.75 -2.13 15.48
CA GLY B 30 15.06 -0.56 15.31
C GLY B 30 16.04 -0.67 15.22
C GLY B 30 16.40 -1.15 15.05
N PRO B 31 17.21 -0.38 14.63
N PRO B 31 17.19 -0.48 14.22
CA PRO B 31 17.53 0.99 14.25
CA PRO B 31 17.42 0.92 14.46
C PRO B 31 16.45 1.69 13.45
C PRO B 31 16.45 1.67 13.52
N ARG B 32 16.31 2.97 13.74
CA ARG B 32 15.50 3.87 12.96
C ARG B 32 16.35 4.87 12.23
N ASN B 33 15.77 5.52 11.25
CA ASN B 33 16.34 6.69 10.60
C ASN B 33 15.73 7.98 11.17
N HIS B 34 16.15 9.09 10.61
CA HIS B 34 15.56 10.42 10.89
C HIS B 34 15.37 10.70 12.38
N PRO B 35 16.45 10.83 13.12
CA PRO B 35 16.36 11.03 14.55
C PRO B 35 15.63 12.31 14.95
N GLN B 36 15.55 13.28 14.04
CA GLN B 36 14.84 14.53 14.37
CA GLN B 36 14.87 14.56 14.25
C GLN B 36 13.42 14.59 13.77
N ALA B 37 12.87 13.42 13.39
CA ALA B 37 11.49 13.41 12.86
C ALA B 37 10.47 13.98 13.83
N GLU B 38 10.62 13.71 15.12
CA GLU B 38 9.69 14.22 16.13
C GLU B 38 9.69 15.75 16.13
N GLN B 39 10.88 16.32 16.04
CA GLN B 39 11.06 17.77 16.00
CA GLN B 39 10.97 17.77 16.05
C GLN B 39 10.42 18.37 14.74
N ALA B 40 10.57 17.68 13.61
CA ALA B 40 9.95 18.15 12.36
C ALA B 40 8.43 18.11 12.51
N CYS B 41 7.90 17.02 13.04
CA CYS B 41 6.45 16.94 13.26
C CYS B 41 5.95 17.99 14.25
N ALA B 42 6.72 18.22 15.31
CA ALA B 42 6.33 19.23 16.29
C ALA B 42 6.28 20.61 15.66
N GLY B 43 7.20 20.90 14.74
CA GLY B 43 7.22 22.18 14.05
C GLY B 43 6.00 22.35 13.15
N LEU B 44 5.63 21.28 12.44
CA LEU B 44 4.41 21.31 11.64
C LEU B 44 3.19 21.51 12.54
N LEU B 45 3.13 20.75 13.64
CA LEU B 45 1.99 20.83 14.52
C LEU B 45 1.83 22.21 15.12
N GLN B 46 2.93 22.82 15.55
CA GLN B 46 2.84 24.15 16.12
C GLN B 46 2.36 25.17 15.09
N ALA B 47 2.84 25.08 13.85
CA ALA B 47 2.43 25.97 12.81
C ALA B 47 0.94 25.81 12.49
N TRP B 48 0.48 24.57 12.41
CA TRP B 48 -0.93 24.31 12.14
C TRP B 48 -1.80 24.87 13.25
N ARG B 49 -1.42 24.61 14.50
CA ARG B 49 -2.18 25.11 15.63
C ARG B 49 -2.21 26.63 15.63
N ALA B 50 -1.06 27.27 15.41
CA ALA B 50 -0.98 28.72 15.48
C ALA B 50 -1.81 29.39 14.39
N ARG B 51 -2.00 28.71 13.25
CA ARG B 51 -2.76 29.23 12.13
C ARG B 51 -4.24 28.79 12.16
N GLY B 52 -4.62 27.96 13.12
CA GLY B 52 -5.98 27.46 13.20
C GLY B 52 -6.37 26.57 12.02
N LEU B 53 -5.40 25.86 11.45
CA LEU B 53 -5.65 25.00 10.28
C LEU B 53 -6.13 23.63 10.73
N PRO B 54 -6.80 22.88 9.84
CA PRO B 54 -7.34 21.60 10.24
C PRO B 54 -6.25 20.57 10.54
N LEU B 55 -6.46 19.74 11.55
CA LEU B 55 -5.48 18.75 11.92
C LEU B 55 -6.18 17.54 12.56
N ILE B 56 -5.66 16.36 12.28
CA ILE B 56 -6.14 15.12 12.83
C ILE B 56 -4.98 14.28 13.28
N HIS B 57 -5.01 13.79 14.52
CA HIS B 57 -4.06 12.81 15.00
C HIS B 57 -4.63 11.42 14.80
N ILE B 58 -3.89 10.55 14.15
CA ILE B 58 -4.23 9.14 13.99
C ILE B 58 -3.43 8.36 15.02
N ARG B 59 -4.07 7.44 15.70
CA ARG B 59 -3.32 6.55 16.52
CA ARG B 59 -3.59 6.62 16.83
C ARG B 59 -3.84 5.15 16.46
N HIS B 60 -2.93 4.25 16.77
CA HIS B 60 -3.15 2.84 16.60
C HIS B 60 -3.62 2.20 17.89
N ASP B 61 -4.69 1.42 17.81
CA ASP B 61 -5.25 0.64 18.90
C ASP B 61 -5.14 -0.85 18.57
N SER B 62 -5.10 -1.67 19.59
CA SER B 62 -5.14 -3.11 19.44
C SER B 62 -5.95 -3.72 20.56
N VAL B 63 -6.66 -4.80 20.24
CA VAL B 63 -7.33 -5.60 21.24
C VAL B 63 -6.49 -6.79 21.69
N GLU B 64 -5.32 -7.01 21.07
CA GLU B 64 -4.52 -8.20 21.39
C GLU B 64 -3.97 -8.08 22.81
N PRO B 65 -4.12 -9.13 23.63
CA PRO B 65 -3.83 -8.96 25.06
C PRO B 65 -2.35 -8.75 25.40
N ASN B 66 -1.42 -9.02 24.49
CA ASN B 66 0.01 -8.75 24.76
C ASN B 66 0.57 -7.57 23.98
N SER B 67 -0.31 -6.86 23.30
CA SER B 67 0.10 -5.73 22.49
C SER B 67 0.48 -4.53 23.34
N THR B 68 1.57 -3.89 22.97
CA THR B 68 1.91 -2.59 23.58
C THR B 68 0.96 -1.45 23.17
N TYR B 69 0.03 -1.73 22.24
CA TYR B 69 -0.99 -0.76 21.80
C TYR B 69 -2.34 -0.98 22.46
N ARG B 70 -2.44 -1.94 23.38
CA ARG B 70 -3.69 -2.13 24.07
C ARG B 70 -3.93 -1.00 25.08
N PRO B 71 -5.21 -0.80 25.46
CA PRO B 71 -5.54 0.33 26.31
C PRO B 71 -4.82 0.24 27.66
N GLY B 72 -4.32 1.37 28.11
CA GLY B 72 -3.69 1.44 29.41
C GLY B 72 -2.21 1.14 29.39
N GLN B 73 -1.68 0.65 28.26
CA GLN B 73 -0.26 0.35 28.20
C GLN B 73 0.52 1.62 27.88
N PRO B 74 1.73 1.77 28.45
CA PRO B 74 2.53 2.98 28.19
C PRO B 74 2.82 3.23 26.71
N GLY B 75 3.02 2.16 25.94
CA GLY B 75 3.33 2.29 24.53
C GLY B 75 2.21 2.91 23.71
N HIS B 76 0.98 2.86 24.22
CA HIS B 76 -0.16 3.35 23.49
C HIS B 76 -0.24 4.87 23.52
N ALA B 77 0.37 5.51 24.52
CA ALA B 77 0.32 6.96 24.69
C ALA B 77 1.03 7.65 23.53
N PHE B 78 0.56 8.83 23.17
CA PHE B 78 1.26 9.67 22.22
C PHE B 78 2.63 10.06 22.78
N LYS B 79 3.58 10.21 21.87
CA LYS B 79 4.84 10.85 22.17
C LYS B 79 4.59 12.28 22.63
N PRO B 80 5.32 12.75 23.65
CA PRO B 80 5.01 14.08 24.20
C PRO B 80 5.24 15.21 23.20
N GLU B 81 6.17 15.02 22.24
CA GLU B 81 6.44 16.06 21.25
C GLU B 81 5.24 16.41 20.42
N VAL B 82 4.31 15.48 20.25
CA VAL B 82 3.15 15.67 19.37
C VAL B 82 1.86 15.25 20.06
N GLU B 83 1.82 15.42 21.38
CA GLU B 83 0.65 15.07 22.18
C GLU B 83 -0.55 15.93 21.75
N PRO B 84 -1.72 15.32 21.52
CA PRO B 84 -2.91 16.12 21.22
C PRO B 84 -3.27 17.05 22.39
N ARG B 85 -3.87 18.17 22.04
CA ARG B 85 -4.48 19.14 22.96
CA ARG B 85 -4.42 19.01 23.06
C ARG B 85 -5.93 18.76 23.20
N PRO B 86 -6.49 19.18 24.33
CA PRO B 86 -7.92 19.02 24.54
C PRO B 86 -8.68 19.62 23.36
N GLY B 87 -9.69 18.90 22.90
CA GLY B 87 -10.54 19.38 21.82
C GLY B 87 -10.06 19.02 20.41
N GLU B 88 -8.79 18.66 20.26
CA GLU B 88 -8.29 18.26 18.95
C GLU B 88 -8.84 16.90 18.56
N THR B 89 -8.99 16.72 17.26
CA THR B 89 -9.51 15.48 16.69
C THR B 89 -8.45 14.39 16.71
N VAL B 90 -8.80 13.30 17.35
CA VAL B 90 -8.00 12.07 17.40
C VAL B 90 -8.89 10.98 16.82
N ILE B 91 -8.39 10.26 15.83
CA ILE B 91 -9.08 9.11 15.23
C ILE B 91 -8.22 7.87 15.43
N ALA B 92 -8.81 6.84 16.02
CA ALA B 92 -8.14 5.60 16.30
C ALA B 92 -8.39 4.61 15.17
N LYS B 93 -7.40 3.78 14.89
CA LYS B 93 -7.50 2.74 13.87
C LYS B 93 -7.00 1.43 14.45
N GLN B 94 -7.44 0.33 13.82
CA GLN B 94 -7.03 -1.00 14.23
C GLN B 94 -6.25 -1.76 13.16
N THR B 95 -6.10 -1.19 11.98
CA THR B 95 -5.30 -1.75 10.90
CA THR B 95 -5.30 -1.78 10.92
C THR B 95 -4.31 -0.71 10.43
N ASN B 96 -3.53 -1.06 9.41
CA ASN B 96 -2.47 -0.13 8.99
C ASN B 96 -2.98 1.17 8.39
N SER B 97 -3.92 1.09 7.47
CA SER B 97 -4.44 2.30 6.84
C SER B 97 -5.40 3.08 7.75
N ALA B 98 -5.19 4.38 7.84
CA ALA B 98 -6.03 5.25 8.64
C ALA B 98 -7.46 5.38 8.13
N PHE B 99 -7.72 4.90 6.91
CA PHE B 99 -9.06 4.97 6.33
C PHE B 99 -9.96 3.79 6.71
N ILE B 100 -9.37 2.65 7.03
CA ILE B 100 -10.18 1.43 7.12
C ILE B 100 -10.79 1.31 8.52
N GLY B 101 -12.12 1.27 8.54
CA GLY B 101 -12.87 1.14 9.78
C GLY B 101 -13.00 2.40 10.61
N THR B 102 -12.57 3.57 10.11
N THR B 102 -12.52 3.51 10.06
CA THR B 102 -12.42 4.77 10.96
CA THR B 102 -12.72 4.78 10.68
C THR B 102 -13.39 5.93 10.62
C THR B 102 -13.64 5.53 9.76
N GLY B 103 -14.01 5.87 9.44
N GLY B 103 -14.06 6.68 10.24
CA GLY B 103 -14.81 6.99 8.93
CA GLY B 103 -14.83 7.49 9.37
C GLY B 103 -14.01 8.22 8.47
C GLY B 103 -13.94 8.48 8.69
N LEU B 104 -12.68 8.14 8.37
CA LEU B 104 -11.80 9.26 8.01
C LEU B 104 -12.21 9.87 6.68
N GLU B 105 -12.41 9.05 5.64
CA GLU B 105 -12.73 9.62 4.33
C GLU B 105 -14.00 10.45 4.35
N ALA B 106 -15.05 9.92 4.97
CA ALA B 106 -16.30 10.64 5.04
C ALA B 106 -16.17 11.97 5.82
N LEU B 107 -15.39 11.98 6.89
CA LEU B 107 -15.16 13.20 7.65
CA LEU B 107 -15.17 13.19 7.65
C LEU B 107 -14.43 14.22 6.80
N LEU B 108 -13.37 13.80 6.12
CA LEU B 108 -12.61 14.72 5.26
C LEU B 108 -13.50 15.30 4.17
N ARG B 109 -14.28 14.44 3.51
CA ARG B 109 -15.12 14.91 2.42
C ARG B 109 -16.25 15.85 2.87
N ALA B 110 -16.81 15.58 4.04
CA ALA B 110 -17.90 16.40 4.59
C ALA B 110 -17.43 17.83 4.84
N ASN B 111 -16.16 17.97 5.16
CA ASN B 111 -15.56 19.25 5.51
C ASN B 111 -14.77 19.89 4.37
N GLY B 112 -14.70 19.21 3.23
CA GLY B 112 -13.91 19.71 2.11
C GLY B 112 -12.41 19.65 2.27
N TRP B 113 -11.93 18.78 3.17
CA TRP B 113 -10.50 18.66 3.46
C TRP B 113 -9.85 17.65 2.52
N LEU B 114 -9.61 18.11 1.29
CA LEU B 114 -9.16 17.20 0.23
C LEU B 114 -7.64 17.28 0.00
N GLU B 115 -6.96 18.19 0.68
CA GLU B 115 -5.55 18.33 0.62
CA GLU B 115 -5.49 18.39 0.64
C GLU B 115 -4.96 17.98 1.99
N LEU B 116 -4.06 17.01 2.00
CA LEU B 116 -3.50 16.41 3.22
C LEU B 116 -2.00 16.56 3.27
N VAL B 117 -1.49 16.87 4.44
CA VAL B 117 -0.04 16.92 4.73
C VAL B 117 0.19 15.84 5.74
N VAL B 118 0.96 14.80 5.39
CA VAL B 118 1.09 13.60 6.19
C VAL B 118 2.48 13.42 6.76
N ALA B 119 2.57 13.00 8.02
CA ALA B 119 3.85 12.59 8.62
C ALA B 119 3.58 11.57 9.68
N GLY B 120 4.58 10.78 10.06
CA GLY B 120 4.46 9.86 11.14
C GLY B 120 5.26 8.61 10.95
N VAL B 121 4.84 7.52 11.58
CA VAL B 121 5.63 6.33 11.67
C VAL B 121 4.74 5.12 11.45
N SER B 122 5.21 4.04 10.77
CA SER B 122 6.48 3.99 10.04
C SER B 122 6.27 4.34 8.58
N THR B 123 7.31 4.91 7.96
CA THR B 123 7.22 5.33 6.55
C THR B 123 6.64 4.20 5.69
N SER B 124 7.16 2.97 5.90
CA SER B 124 6.92 1.84 5.05
C SER B 124 5.73 1.00 5.42
N ASN B 125 5.18 1.20 6.60
CA ASN B 125 4.05 0.38 7.07
C ASN B 125 2.80 1.25 7.08
N SER B 126 2.41 1.80 8.23
CA SER B 126 1.15 2.49 8.31
C SER B 126 1.13 3.81 7.54
N VAL B 127 2.26 4.52 7.47
CA VAL B 127 2.27 5.73 6.68
C VAL B 127 2.02 5.38 5.19
N GLU B 128 2.81 4.46 4.66
CA GLU B 128 2.65 4.06 3.28
C GLU B 128 1.24 3.50 3.01
N ALA B 129 0.71 2.69 3.90
CA ALA B 129 -0.63 2.13 3.69
C ALA B 129 -1.68 3.24 3.58
N THR B 130 -1.56 4.23 4.45
CA THR B 130 -2.45 5.36 4.48
C THR B 130 -2.33 6.22 3.24
N VAL B 131 -1.08 6.54 2.87
CA VAL B 131 -0.85 7.40 1.72
C VAL B 131 -1.26 6.75 0.41
N ARG B 132 -0.97 5.47 0.24
CA ARG B 132 -1.41 4.79 -1.00
C ARG B 132 -2.92 4.91 -1.15
N ALA B 134 -4.95 7.15 0.35
CA ALA B 134 -5.34 8.55 0.19
C ALA B 134 -5.20 8.97 -1.24
N GLY B 135 -4.06 8.72 -1.86
CA GLY B 135 -3.86 9.13 -3.24
C GLY B 135 -4.86 8.49 -4.17
N ASN B 136 -5.06 7.18 -4.02
CA ASN B 136 -5.98 6.49 -4.92
C ASN B 136 -7.43 6.92 -4.70
N LEU B 137 -7.78 7.35 -3.49
CA LEU B 137 -9.12 7.85 -3.20
C LEU B 137 -9.34 9.27 -3.79
N GLY B 138 -8.27 9.92 -4.24
CA GLY B 138 -8.39 11.22 -4.86
C GLY B 138 -7.98 12.41 -4.01
N PHE B 139 -7.37 12.16 -2.87
CA PHE B 139 -6.84 13.25 -2.06
C PHE B 139 -5.51 13.74 -2.63
N ALA B 140 -5.24 15.03 -2.47
CA ALA B 140 -3.97 15.62 -2.81
C ALA B 140 -3.07 15.52 -1.58
N VAL B 141 -2.02 14.72 -1.66
CA VAL B 141 -1.20 14.39 -0.48
C VAL B 141 0.21 14.91 -0.64
N CYS B 142 0.65 15.68 0.35
CA CYS B 142 2.07 16.05 0.51
CA CYS B 142 2.02 16.09 0.53
C CYS B 142 2.58 15.21 1.67
N LEU B 143 3.61 14.39 1.42
CA LEU B 143 4.21 13.55 2.45
C LEU B 143 5.45 14.26 2.93
N ALA B 144 5.44 14.66 4.21
CA ALA B 144 6.56 15.40 4.84
C ALA B 144 7.58 14.38 5.31
N GLU B 145 8.46 14.00 4.40
CA GLU B 145 9.25 12.82 4.63
C GLU B 145 10.26 12.92 5.76
N ASP B 146 10.71 14.15 6.04
CA ASP B 146 11.61 14.40 7.15
C ASP B 146 10.94 14.27 8.51
N GLY B 147 9.61 14.27 8.52
CA GLY B 147 8.82 13.97 9.71
C GLY B 147 8.36 12.52 9.80
N CYS B 148 8.93 11.66 8.95
CA CYS B 148 8.62 10.24 8.95
C CYS B 148 9.88 9.45 9.27
N PHE B 149 9.70 8.26 9.86
CA PHE B 149 10.81 7.37 10.04
C PHE B 149 10.32 5.93 9.96
N THR B 150 11.27 5.03 9.77
CA THR B 150 11.05 3.61 9.75
C THR B 150 12.28 2.90 10.31
N PHE B 151 12.31 1.57 10.13
CA PHE B 151 13.24 0.71 10.83
C PHE B 151 13.96 -0.24 9.86
N ASP B 152 15.16 -0.68 10.26
CA ASP B 152 15.84 -1.74 9.51
C ASP B 152 14.89 -2.91 9.27
N LYS B 153 15.03 -3.56 8.12
CA LYS B 153 14.16 -4.68 7.77
C LYS B 153 14.90 -5.62 6.86
N THR B 154 14.77 -6.92 7.10
CA THR B 154 15.34 -7.93 6.19
C THR B 154 14.43 -8.10 4.99
N ASP B 155 14.98 -8.01 3.78
CA ASP B 155 14.18 -8.19 2.59
C ASP B 155 13.91 -9.69 2.37
N TRP B 156 13.11 -10.03 1.37
CA TRP B 156 12.66 -11.40 1.19
C TRP B 156 13.80 -12.32 0.77
N HIS B 157 14.88 -11.75 0.24
CA HIS B 157 16.06 -12.54 -0.16
C HIS B 157 17.07 -12.70 0.98
N GLY B 158 16.74 -12.16 2.16
CA GLY B 158 17.59 -12.31 3.35
C GLY B 158 18.64 -11.22 3.53
N ARG B 159 18.50 -10.10 2.82
CA ARG B 159 19.43 -8.99 2.97
C ARG B 159 18.91 -7.99 3.98
N ARG B 160 19.71 -7.62 4.97
CA ARG B 160 19.33 -6.52 5.83
C ARG B 160 19.36 -5.21 5.05
N ARG B 161 18.24 -4.50 5.07
CA ARG B 161 18.18 -3.14 4.55
C ARG B 161 18.12 -2.20 5.74
N SER B 162 18.94 -1.15 5.72
CA SER B 162 18.90 -0.17 6.79
C SER B 162 17.58 0.59 6.76
N ALA B 163 17.25 1.24 7.87
CA ALA B 163 16.08 2.07 7.92
C ALA B 163 16.11 3.10 6.83
N ASP B 164 17.26 3.73 6.57
CA ASP B 164 17.38 4.70 5.50
C ASP B 164 17.02 4.11 4.13
N GLU B 165 17.49 2.89 3.88
CA GLU B 165 17.17 2.19 2.62
C GLU B 165 15.69 1.86 2.50
N VAL B 166 15.10 1.39 3.59
CA VAL B 166 13.68 1.04 3.64
C VAL B 166 12.86 2.30 3.35
N HIS B 167 13.22 3.38 4.04
CA HIS B 167 12.57 4.69 3.84
C HIS B 167 12.67 5.15 2.40
N ALA B 168 13.88 5.10 1.85
CA ALA B 168 14.13 5.58 0.49
C ALA B 168 13.37 4.77 -0.54
N SER B 170 10.46 3.12 0.01
CA SER B 170 9.07 3.48 0.12
CA SER B 170 9.08 3.53 0.22
C SER B 170 8.78 4.84 -0.49
N LEU B 171 9.62 5.84 -0.27
CA LEU B 171 9.39 7.15 -0.86
C LEU B 171 9.40 7.07 -2.39
N ALA B 172 10.31 6.28 -2.95
CA ALA B 172 10.39 6.15 -4.41
C ALA B 172 9.11 5.50 -4.94
N ASN B 173 8.54 4.54 -4.22
CA ASN B 173 7.30 3.93 -4.64
C ASN B 173 6.09 4.87 -4.50
N LEU B 174 6.17 5.80 -3.56
CA LEU B 174 5.05 6.70 -3.28
C LEU B 174 5.04 7.95 -4.13
N ASP B 175 6.21 8.54 -4.41
CA ASP B 175 6.27 9.84 -5.05
C ASP B 175 5.72 9.76 -6.46
N GLY B 176 4.93 10.76 -6.84
CA GLY B 176 4.33 10.86 -8.16
C GLY B 176 3.07 10.03 -8.28
N GLU B 177 3.18 8.75 -7.98
CA GLU B 177 2.10 7.81 -8.14
C GLU B 177 0.97 7.99 -7.11
N TYR B 178 1.34 8.31 -5.87
CA TYR B 178 0.40 8.42 -4.75
C TYR B 178 0.39 9.77 -4.04
N CYS B 179 1.48 10.52 -4.13
CA CYS B 179 1.65 11.75 -3.35
C CYS B 179 2.79 12.55 -3.92
N ARG B 180 2.97 13.75 -3.40
CA ARG B 180 4.19 14.55 -3.60
C ARG B 180 5.02 14.44 -2.34
N VAL B 181 6.23 13.87 -2.46
CA VAL B 181 7.16 13.78 -1.33
C VAL B 181 7.86 15.11 -1.20
N CYS B 182 7.84 15.69 0.00
CA CYS B 182 8.56 16.94 0.21
CA CYS B 182 8.27 17.08 0.32
C CYS B 182 9.03 17.08 1.64
N GLY B 183 9.66 18.19 1.95
CA GLY B 183 10.20 18.46 3.26
C GLY B 183 9.35 19.43 4.03
N SER B 184 9.42 19.29 5.35
CA SER B 184 8.66 20.16 6.22
C SER B 184 8.99 21.63 6.00
N ALA B 185 10.26 21.96 5.71
CA ALA B 185 10.59 23.36 5.51
C ALA B 185 9.82 23.96 4.33
N ASP B 186 9.72 23.20 3.24
CA ASP B 186 9.00 23.67 2.06
C ASP B 186 7.50 23.77 2.35
N ILE B 187 6.98 22.87 3.16
CA ILE B 187 5.59 22.93 3.56
C ILE B 187 5.32 24.21 4.38
N LEU B 188 6.18 24.47 5.34
CA LEU B 188 6.00 25.64 6.18
C LEU B 188 6.05 26.92 5.34
N ALA B 189 6.95 26.98 4.37
CA ALA B 189 7.04 28.13 3.48
C ALA B 189 5.75 28.30 2.66
N ALA B 190 5.14 27.22 2.20
CA ALA B 190 3.91 27.27 1.43
C ALA B 190 2.72 27.79 2.25
N LEU B 191 2.76 27.62 3.58
CA LEU B 191 1.70 28.17 4.44
C LEU B 191 1.61 29.68 4.37
N GLY B 192 2.76 30.31 4.26
CA GLY B 192 2.82 31.75 4.24
C GLY B 192 2.20 32.33 2.99
N ASN B 193 2.08 31.51 1.95
CA ASN B 193 1.50 31.93 0.70
C ASN B 193 -0.02 31.77 0.62
N ILE B 194 -0.62 31.06 1.59
CA ILE B 194 -2.06 30.80 1.55
C ILE B 194 -2.93 32.06 1.58
#